data_5JZA
#
_entry.id   5JZA
#
_cell.length_a   48.730
_cell.length_b   70.240
_cell.length_c   170.420
_cell.angle_alpha   90.000
_cell.angle_beta   90.000
_cell.angle_gamma   90.000
#
_symmetry.space_group_name_H-M   'P 21 21 21'
#
loop_
_entity.id
_entity.type
_entity.pdbx_description
1 polymer 'Aspartyl/asparaginyl beta-hydroxylase'
2 non-polymer 'MANGANESE (II) ION'
3 non-polymer GLYCEROL
4 non-polymer N-OXALYLGLYCINE
5 water water
#
_entity_poly.entity_id   1
_entity_poly.type   'polypeptide(L)'
_entity_poly.pdbx_seq_one_letter_code
;KPKLLNKFDKTIKAELDAAEKLRKRGKIEEAVNAFKELVRKYPQSPRARYGKAQCEDDLAEKRRSNEVLRGAIETYQEVA
SLPDVPADLLKLSLKRRSDRQQFLGHMRGSLLTLQRLVQLFPNDTSLKNDLGVGYLLIGDNDNAKKVYEEVLSVTPNDGF
AKVHYGFILKAQNKIAESIPYLKEGIESGDPGTDDGRFYFHLGDAMQRVGNKEAYKWYELGHKRGHFASVWQRSLYNVNG
LKAQPWWTPKETGYTELVKSLERNWKLIRDEGLAVMDKAKGLFLPEDENLREKGDWSQFTLWQQGRRNENACKGAPKTCT
LLEKFPETTGCRRGQIKYSIMHPGTHVWPHTGPTNCRLRMHLGLVIPKEGCKIRCANETKTWEEGKVLIFDDSFEHEVWQ
DASSFRLIFIVDVWHPELTPQQRRSLPAI
;
_entity_poly.pdbx_strand_id   A
#
# COMPACT_ATOMS: atom_id res chain seq x y z
N LYS A 1 -22.76 -22.11 -15.74
CA LYS A 1 -23.06 -23.22 -14.83
C LYS A 1 -23.68 -22.82 -13.48
N PRO A 2 -24.01 -21.52 -13.28
CA PRO A 2 -24.70 -21.23 -12.02
C PRO A 2 -26.22 -21.21 -12.14
N LYS A 3 -26.91 -21.66 -11.10
CA LYS A 3 -28.37 -21.70 -11.10
C LYS A 3 -28.94 -20.43 -10.46
N LEU A 4 -29.54 -19.56 -11.26
CA LEU A 4 -29.99 -18.25 -10.78
C LEU A 4 -31.50 -18.07 -10.83
N LEU A 5 -32.25 -19.16 -10.94
CA LEU A 5 -33.69 -19.06 -11.11
C LEU A 5 -34.45 -20.07 -10.26
N ASN A 6 -35.26 -19.57 -9.32
CA ASN A 6 -36.16 -20.44 -8.58
C ASN A 6 -37.32 -20.83 -9.49
N LYS A 7 -38.28 -21.59 -8.96
CA LYS A 7 -39.39 -22.09 -9.77
C LYS A 7 -40.09 -20.97 -10.51
N PHE A 8 -40.21 -19.82 -9.84
CA PHE A 8 -40.82 -18.65 -10.44
C PHE A 8 -40.07 -18.21 -11.69
N ASP A 9 -38.83 -17.78 -11.50
CA ASP A 9 -38.07 -17.08 -12.53
C ASP A 9 -37.96 -17.85 -13.85
N LYS A 10 -37.97 -19.17 -13.79
CA LYS A 10 -37.83 -19.98 -14.99
C LYS A 10 -38.94 -19.70 -16.01
N THR A 11 -40.09 -19.23 -15.52
CA THR A 11 -41.24 -19.00 -16.38
C THR A 11 -41.11 -17.73 -17.21
N ILE A 12 -40.38 -16.75 -16.67
CA ILE A 12 -40.28 -15.43 -17.29
C ILE A 12 -38.90 -15.21 -17.87
N LYS A 13 -38.24 -16.30 -18.26
CA LYS A 13 -36.85 -16.26 -18.72
C LYS A 13 -36.66 -15.36 -19.94
N ALA A 14 -37.56 -15.48 -20.90
CA ALA A 14 -37.45 -14.74 -22.15
C ALA A 14 -37.36 -13.23 -21.90
N GLU A 15 -38.01 -12.76 -20.84
CA GLU A 15 -37.98 -11.35 -20.49
C GLU A 15 -36.72 -10.98 -19.74
N LEU A 16 -36.32 -11.82 -18.80
CA LEU A 16 -35.11 -11.57 -18.01
C LEU A 16 -33.88 -11.48 -18.89
N ASP A 17 -33.77 -12.42 -19.83
CA ASP A 17 -32.66 -12.44 -20.78
C ASP A 17 -32.66 -11.17 -21.63
N ALA A 18 -33.85 -10.63 -21.90
CA ALA A 18 -33.96 -9.40 -22.66
C ALA A 18 -33.29 -8.26 -21.90
N ALA A 19 -33.75 -8.01 -20.68
CA ALA A 19 -33.19 -6.94 -19.85
C ALA A 19 -31.70 -7.15 -19.62
N GLU A 20 -31.30 -8.42 -19.49
CA GLU A 20 -29.89 -8.74 -19.28
C GLU A 20 -29.08 -8.40 -20.53
N LYS A 21 -29.54 -8.89 -21.68
CA LYS A 21 -28.85 -8.64 -22.94
C LYS A 21 -28.67 -7.13 -23.17
N LEU A 22 -29.64 -6.34 -22.71
CA LEU A 22 -29.55 -4.90 -22.80
C LEU A 22 -28.32 -4.39 -22.05
N ARG A 23 -28.08 -4.96 -20.86
CA ARG A 23 -26.92 -4.57 -20.06
C ARG A 23 -25.64 -5.00 -20.74
N LYS A 24 -25.62 -6.24 -21.22
CA LYS A 24 -24.46 -6.76 -21.94
C LYS A 24 -24.17 -5.88 -23.15
N ARG A 25 -25.23 -5.32 -23.73
CA ARG A 25 -25.10 -4.41 -24.87
C ARG A 25 -24.43 -3.10 -24.47
N GLY A 26 -24.56 -2.73 -23.20
CA GLY A 26 -24.01 -1.47 -22.71
C GLY A 26 -25.05 -0.36 -22.66
N LYS A 27 -26.26 -0.66 -23.15
CA LYS A 27 -27.37 0.28 -23.07
C LYS A 27 -28.01 0.14 -21.70
N ILE A 28 -27.44 0.84 -20.72
CA ILE A 28 -27.67 0.53 -19.31
C ILE A 28 -28.98 1.07 -18.75
N GLU A 29 -29.28 2.34 -18.98
CA GLU A 29 -30.43 2.99 -18.33
C GLU A 29 -31.72 2.19 -18.54
N GLU A 30 -31.78 1.43 -19.62
CA GLU A 30 -32.97 0.66 -19.95
C GLU A 30 -33.04 -0.63 -19.16
N ALA A 31 -31.95 -1.38 -19.18
CA ALA A 31 -31.82 -2.57 -18.35
C ALA A 31 -32.25 -2.24 -16.94
N VAL A 32 -31.83 -1.07 -16.48
CA VAL A 32 -32.32 -0.52 -15.23
C VAL A 32 -33.85 -0.48 -15.26
N ASN A 33 -34.42 0.34 -16.14
CA ASN A 33 -35.86 0.50 -16.22
C ASN A 33 -36.52 -0.86 -16.42
N ALA A 34 -36.03 -1.61 -17.40
CA ALA A 34 -36.47 -2.98 -17.61
C ALA A 34 -36.53 -3.72 -16.27
N PHE A 35 -35.36 -3.91 -15.65
CA PHE A 35 -35.28 -4.59 -14.37
C PHE A 35 -36.15 -3.92 -13.30
N LYS A 36 -36.08 -2.59 -13.22
CA LYS A 36 -36.95 -1.83 -12.33
C LYS A 36 -38.41 -2.20 -12.57
N GLU A 37 -38.76 -2.32 -13.85
CA GLU A 37 -40.15 -2.52 -14.26
C GLU A 37 -40.56 -3.99 -14.28
N LEU A 38 -39.95 -4.80 -13.42
CA LEU A 38 -40.26 -6.22 -13.38
C LEU A 38 -40.59 -6.69 -11.97
N VAL A 39 -40.14 -5.93 -10.97
CA VAL A 39 -40.48 -6.21 -9.59
C VAL A 39 -41.92 -5.82 -9.33
N ARG A 40 -42.34 -4.69 -9.86
CA ARG A 40 -43.73 -4.28 -9.72
C ARG A 40 -44.63 -5.29 -10.43
N LYS A 41 -44.18 -5.76 -11.60
CA LYS A 41 -44.92 -6.78 -12.33
C LYS A 41 -44.93 -8.08 -11.53
N TYR A 42 -43.79 -8.41 -10.95
CA TYR A 42 -43.66 -9.61 -10.12
C TYR A 42 -42.66 -9.38 -8.99
N PRO A 43 -43.13 -8.94 -7.82
CA PRO A 43 -42.24 -8.52 -6.73
C PRO A 43 -41.25 -9.59 -6.25
N GLN A 44 -41.68 -10.84 -6.22
CA GLN A 44 -40.84 -11.90 -5.67
C GLN A 44 -39.93 -12.49 -6.73
N SER A 45 -39.24 -11.61 -7.46
CA SER A 45 -38.31 -12.03 -8.51
C SER A 45 -36.88 -11.69 -8.15
N PRO A 46 -36.21 -12.58 -7.38
CA PRO A 46 -34.79 -12.41 -7.06
C PRO A 46 -33.92 -12.04 -8.26
N ARG A 47 -34.11 -12.75 -9.36
CA ARG A 47 -33.29 -12.52 -10.55
C ARG A 47 -33.58 -11.15 -11.16
N ALA A 48 -34.74 -10.58 -10.82
CA ALA A 48 -35.08 -9.24 -11.30
C ALA A 48 -34.37 -8.17 -10.46
N ARG A 49 -34.56 -8.23 -9.14
CA ARG A 49 -33.93 -7.27 -8.23
C ARG A 49 -32.42 -7.40 -8.30
N TYR A 50 -31.94 -8.63 -8.43
CA TYR A 50 -30.51 -8.87 -8.59
C TYR A 50 -30.01 -8.18 -9.85
N GLY A 51 -30.75 -8.34 -10.94
CA GLY A 51 -30.43 -7.68 -12.19
C GLY A 51 -30.33 -6.18 -12.02
N LYS A 52 -31.37 -5.60 -11.41
CA LYS A 52 -31.38 -4.18 -11.09
C LYS A 52 -30.11 -3.76 -10.35
N ALA A 53 -29.72 -4.56 -9.36
CA ALA A 53 -28.53 -4.28 -8.58
C ALA A 53 -27.30 -4.21 -9.46
N GLN A 54 -27.13 -5.21 -10.33
CA GLN A 54 -26.00 -5.23 -11.25
C GLN A 54 -25.97 -3.96 -12.09
N CYS A 55 -27.12 -3.56 -12.61
CA CYS A 55 -27.20 -2.34 -13.41
C CYS A 55 -26.75 -1.13 -12.60
N GLU A 56 -27.30 -0.98 -11.41
CA GLU A 56 -26.88 0.07 -10.49
C GLU A 56 -25.38 -0.02 -10.25
N ASP A 57 -24.90 -1.24 -10.03
CA ASP A 57 -23.47 -1.48 -9.83
C ASP A 57 -22.69 -1.10 -11.09
N ASP A 58 -23.11 -1.64 -12.23
CA ASP A 58 -22.53 -1.30 -13.51
C ASP A 58 -22.58 0.21 -13.71
N LEU A 59 -23.73 0.80 -13.40
CA LEU A 59 -23.93 2.23 -13.59
C LEU A 59 -23.00 3.03 -12.68
N ALA A 60 -22.79 2.53 -11.46
CA ALA A 60 -21.91 3.18 -10.52
C ALA A 60 -20.51 3.37 -11.12
N GLU A 61 -20.04 2.35 -11.83
CA GLU A 61 -18.71 2.38 -12.40
C GLU A 61 -18.64 3.32 -13.61
N LYS A 62 -19.77 3.51 -14.28
CA LYS A 62 -19.85 4.43 -15.40
C LYS A 62 -19.95 5.87 -14.89
N ARG A 63 -20.96 6.11 -14.08
CA ARG A 63 -21.14 7.42 -13.45
C ARG A 63 -20.00 7.72 -12.48
N ARG A 64 -19.40 6.65 -11.93
CA ARG A 64 -18.33 6.78 -10.95
C ARG A 64 -18.76 7.70 -9.81
N SER A 65 -19.97 7.46 -9.31
CA SER A 65 -20.49 8.18 -8.16
C SER A 65 -20.93 7.19 -7.09
N ASN A 66 -20.44 7.40 -5.87
CA ASN A 66 -20.61 6.44 -4.79
C ASN A 66 -22.04 6.32 -4.29
N GLU A 67 -22.85 7.35 -4.54
CA GLU A 67 -24.23 7.35 -4.05
C GLU A 67 -25.05 6.26 -4.74
N VAL A 68 -24.85 6.09 -6.04
CA VAL A 68 -25.64 5.12 -6.78
C VAL A 68 -25.16 3.74 -6.37
N LEU A 69 -23.86 3.61 -6.14
CA LEU A 69 -23.29 2.35 -5.69
C LEU A 69 -23.90 1.95 -4.36
N ARG A 70 -24.12 2.93 -3.49
CA ARG A 70 -24.78 2.70 -2.22
C ARG A 70 -26.17 2.11 -2.45
N GLY A 71 -26.84 2.57 -3.50
CA GLY A 71 -28.13 2.04 -3.88
C GLY A 71 -28.02 0.56 -4.22
N ALA A 72 -27.02 0.23 -5.03
CA ALA A 72 -26.80 -1.15 -5.44
C ALA A 72 -26.61 -2.05 -4.22
N ILE A 73 -25.88 -1.54 -3.23
CA ILE A 73 -25.55 -2.30 -2.04
C ILE A 73 -26.81 -2.76 -1.31
N GLU A 74 -27.82 -1.89 -1.23
CA GLU A 74 -29.06 -2.25 -0.57
C GLU A 74 -29.90 -3.17 -1.46
N THR A 75 -29.79 -2.99 -2.77
CA THR A 75 -30.56 -3.81 -3.70
C THR A 75 -30.04 -5.24 -3.65
N TYR A 76 -28.73 -5.40 -3.51
CA TYR A 76 -28.13 -6.72 -3.33
C TYR A 76 -28.67 -7.34 -2.05
N GLN A 77 -28.84 -6.52 -1.03
CA GLN A 77 -29.39 -6.98 0.25
C GLN A 77 -30.83 -7.45 0.05
N GLU A 78 -31.60 -6.70 -0.73
CA GLU A 78 -33.00 -7.01 -0.98
C GLU A 78 -33.18 -8.40 -1.57
N VAL A 79 -32.26 -8.79 -2.45
CA VAL A 79 -32.28 -10.12 -3.05
C VAL A 79 -32.36 -11.19 -1.97
N ALA A 80 -31.57 -11.02 -0.91
CA ALA A 80 -31.41 -12.05 0.11
C ALA A 80 -32.61 -12.15 1.06
N SER A 81 -33.55 -11.21 0.94
CA SER A 81 -34.72 -11.19 1.82
C SER A 81 -35.95 -11.81 1.16
N LEU A 82 -35.79 -12.24 -0.08
CA LEU A 82 -36.92 -12.73 -0.89
C LEU A 82 -37.25 -14.18 -0.52
N PRO A 83 -38.44 -14.67 -0.93
CA PRO A 83 -38.96 -15.90 -0.33
C PRO A 83 -38.15 -17.14 -0.68
N ASP A 84 -37.93 -17.37 -1.98
CA ASP A 84 -37.13 -18.49 -2.43
C ASP A 84 -36.04 -18.01 -3.37
N VAL A 85 -34.81 -18.00 -2.87
CA VAL A 85 -33.66 -17.54 -3.65
C VAL A 85 -32.74 -18.72 -3.94
N PRO A 86 -32.30 -18.87 -5.20
CA PRO A 86 -31.30 -19.90 -5.48
C PRO A 86 -30.03 -19.68 -4.67
N ALA A 87 -29.42 -20.76 -4.19
CA ALA A 87 -28.22 -20.66 -3.37
C ALA A 87 -27.13 -19.87 -4.08
N ASP A 88 -26.89 -20.19 -5.34
CA ASP A 88 -25.85 -19.50 -6.12
C ASP A 88 -26.13 -18.00 -6.19
N LEU A 89 -27.38 -17.64 -6.45
CA LEU A 89 -27.77 -16.25 -6.59
C LEU A 89 -27.56 -15.49 -5.28
N LEU A 90 -28.10 -16.06 -4.20
CA LEU A 90 -27.96 -15.48 -2.87
C LEU A 90 -26.49 -15.24 -2.56
N LYS A 91 -25.66 -16.23 -2.86
CA LYS A 91 -24.23 -16.15 -2.61
C LYS A 91 -23.60 -15.05 -3.45
N LEU A 92 -23.94 -15.02 -4.73
CA LEU A 92 -23.45 -13.98 -5.64
C LEU A 92 -23.85 -12.60 -5.15
N SER A 93 -25.11 -12.49 -4.72
CA SER A 93 -25.67 -11.21 -4.30
C SER A 93 -24.89 -10.60 -3.13
N LEU A 94 -24.70 -11.38 -2.07
CA LEU A 94 -24.10 -10.87 -0.86
C LEU A 94 -22.58 -10.72 -0.97
N LYS A 95 -21.93 -11.65 -1.67
CA LYS A 95 -20.50 -11.56 -1.89
C LYS A 95 -20.18 -10.25 -2.59
N ARG A 96 -20.98 -9.93 -3.60
CA ARG A 96 -20.78 -8.70 -4.35
C ARG A 96 -21.08 -7.48 -3.47
N ARG A 97 -22.07 -7.62 -2.59
CA ARG A 97 -22.41 -6.56 -1.66
C ARG A 97 -21.22 -6.27 -0.75
N SER A 98 -20.65 -7.32 -0.20
CA SER A 98 -19.49 -7.20 0.68
C SER A 98 -18.33 -6.52 -0.03
N ASP A 99 -18.08 -6.93 -1.27
CA ASP A 99 -16.98 -6.38 -2.05
C ASP A 99 -17.17 -4.88 -2.25
N ARG A 100 -18.38 -4.48 -2.62
CA ARG A 100 -18.67 -3.07 -2.85
C ARG A 100 -18.65 -2.27 -1.54
N GLN A 101 -19.05 -2.90 -0.44
CA GLN A 101 -18.97 -2.26 0.85
C GLN A 101 -17.52 -1.96 1.19
N GLN A 102 -16.63 -2.90 0.91
CA GLN A 102 -15.20 -2.72 1.15
C GLN A 102 -14.65 -1.62 0.26
N PHE A 103 -15.18 -1.54 -0.96
CA PHE A 103 -14.76 -0.53 -1.91
C PHE A 103 -15.05 0.87 -1.36
N LEU A 104 -16.22 1.04 -0.75
CA LEU A 104 -16.62 2.33 -0.20
C LEU A 104 -15.93 2.62 1.13
N GLY A 105 -15.32 1.59 1.71
CA GLY A 105 -14.67 1.74 3.00
C GLY A 105 -15.58 1.39 4.16
N HIS A 106 -16.72 0.76 3.86
CA HIS A 106 -17.63 0.28 4.90
C HIS A 106 -17.16 -1.07 5.43
N MET A 107 -16.04 -1.07 6.13
CA MET A 107 -15.36 -2.31 6.47
C MET A 107 -16.17 -3.15 7.45
N ARG A 108 -16.68 -2.54 8.51
CA ARG A 108 -17.47 -3.31 9.46
C ARG A 108 -18.77 -3.79 8.82
N GLY A 109 -19.32 -2.98 7.92
CA GLY A 109 -20.50 -3.37 7.18
C GLY A 109 -20.25 -4.61 6.33
N SER A 110 -19.12 -4.62 5.64
CA SER A 110 -18.72 -5.78 4.85
C SER A 110 -18.56 -7.01 5.75
N LEU A 111 -17.95 -6.80 6.92
CA LEU A 111 -17.73 -7.88 7.86
C LEU A 111 -19.06 -8.51 8.27
N LEU A 112 -20.05 -7.67 8.55
CA LEU A 112 -21.37 -8.14 8.94
C LEU A 112 -21.99 -8.98 7.82
N THR A 113 -21.83 -8.53 6.59
CA THR A 113 -22.31 -9.28 5.43
C THR A 113 -21.61 -10.63 5.33
N LEU A 114 -20.30 -10.62 5.55
CA LEU A 114 -19.51 -11.85 5.47
C LEU A 114 -19.89 -12.83 6.58
N GLN A 115 -20.20 -12.29 7.75
CA GLN A 115 -20.63 -13.12 8.87
C GLN A 115 -21.93 -13.82 8.51
N ARG A 116 -22.83 -13.08 7.86
CA ARG A 116 -24.10 -13.64 7.42
C ARG A 116 -23.86 -14.76 6.40
N LEU A 117 -22.97 -14.49 5.44
CA LEU A 117 -22.66 -15.46 4.39
C LEU A 117 -22.12 -16.76 4.95
N VAL A 118 -21.30 -16.66 5.99
CA VAL A 118 -20.64 -17.82 6.56
C VAL A 118 -21.64 -18.71 7.29
N GLN A 119 -22.63 -18.10 7.95
CA GLN A 119 -23.64 -18.89 8.63
C GLN A 119 -24.64 -19.45 7.62
N LEU A 120 -24.81 -18.75 6.50
CA LEU A 120 -25.66 -19.23 5.42
C LEU A 120 -25.03 -20.38 4.67
N PHE A 121 -23.70 -20.39 4.60
CA PHE A 121 -22.97 -21.44 3.90
C PHE A 121 -21.80 -21.94 4.73
N PRO A 122 -22.08 -22.68 5.81
CA PRO A 122 -21.05 -23.15 6.75
C PRO A 122 -19.97 -24.02 6.13
N ASN A 123 -20.19 -24.58 4.94
CA ASN A 123 -19.25 -25.51 4.34
C ASN A 123 -18.41 -24.87 3.23
N ASP A 124 -18.63 -23.59 2.97
CA ASP A 124 -17.89 -22.89 1.93
C ASP A 124 -16.61 -22.30 2.50
N THR A 125 -15.49 -23.00 2.28
CA THR A 125 -14.18 -22.57 2.75
C THR A 125 -13.79 -21.22 2.17
N SER A 126 -14.19 -20.98 0.92
CA SER A 126 -13.91 -19.72 0.23
C SER A 126 -14.43 -18.53 1.02
N LEU A 127 -15.60 -18.70 1.63
CA LEU A 127 -16.26 -17.61 2.33
C LEU A 127 -15.66 -17.39 3.71
N LYS A 128 -15.17 -18.46 4.33
CA LYS A 128 -14.48 -18.34 5.62
C LYS A 128 -13.20 -17.53 5.43
N ASN A 129 -12.47 -17.83 4.36
CA ASN A 129 -11.27 -17.08 4.02
C ASN A 129 -11.59 -15.60 3.81
N ASP A 130 -12.71 -15.33 3.16
CA ASP A 130 -13.14 -13.94 2.92
C ASP A 130 -13.53 -13.26 4.23
N LEU A 131 -14.16 -14.00 5.12
CA LEU A 131 -14.50 -13.49 6.44
C LEU A 131 -13.24 -13.07 7.19
N GLY A 132 -12.21 -13.89 7.08
CA GLY A 132 -10.92 -13.60 7.69
C GLY A 132 -10.37 -12.26 7.23
N VAL A 133 -10.51 -11.99 5.94
CA VAL A 133 -10.09 -10.71 5.38
C VAL A 133 -10.95 -9.61 5.96
N GLY A 134 -12.25 -9.88 6.08
CA GLY A 134 -13.15 -8.95 6.73
C GLY A 134 -12.66 -8.52 8.09
N TYR A 135 -12.20 -9.49 8.89
CA TYR A 135 -11.70 -9.18 10.22
C TYR A 135 -10.41 -8.38 10.15
N LEU A 136 -9.54 -8.73 9.21
CA LEU A 136 -8.28 -8.00 9.04
C LEU A 136 -8.53 -6.53 8.69
N LEU A 137 -9.56 -6.26 7.89
CA LEU A 137 -9.80 -4.90 7.42
C LEU A 137 -10.34 -3.98 8.51
N ILE A 138 -10.81 -4.53 9.62
CA ILE A 138 -11.20 -3.72 10.77
C ILE A 138 -10.13 -3.80 11.87
N GLY A 139 -9.00 -4.44 11.56
CA GLY A 139 -7.90 -4.54 12.50
C GLY A 139 -8.08 -5.57 13.61
N ASP A 140 -9.02 -6.50 13.40
CA ASP A 140 -9.27 -7.53 14.39
C ASP A 140 -8.49 -8.79 14.02
N ASN A 141 -7.19 -8.75 14.28
CA ASN A 141 -6.30 -9.84 13.88
C ASN A 141 -6.55 -11.11 14.67
N ASP A 142 -7.06 -10.97 15.88
CA ASP A 142 -7.30 -12.12 16.74
C ASP A 142 -8.44 -13.00 16.19
N ASN A 143 -9.52 -12.36 15.75
CA ASN A 143 -10.63 -13.10 15.17
C ASN A 143 -10.24 -13.67 13.81
N ALA A 144 -9.48 -12.88 13.06
CA ALA A 144 -8.98 -13.34 11.76
C ALA A 144 -8.13 -14.57 11.95
N LYS A 145 -7.32 -14.57 12.99
CA LYS A 145 -6.44 -15.70 13.29
C LYS A 145 -7.27 -16.95 13.59
N LYS A 146 -8.34 -16.78 14.36
CA LYS A 146 -9.23 -17.89 14.69
C LYS A 146 -9.88 -18.47 13.43
N VAL A 147 -10.27 -17.59 12.52
CA VAL A 147 -10.91 -18.00 11.27
C VAL A 147 -9.98 -18.88 10.44
N TYR A 148 -8.73 -18.46 10.27
CA TYR A 148 -7.82 -19.19 9.40
C TYR A 148 -7.32 -20.47 10.06
N GLU A 149 -7.35 -20.50 11.39
CA GLU A 149 -7.04 -21.72 12.12
C GLU A 149 -8.15 -22.75 11.89
N GLU A 150 -9.39 -22.29 11.88
CA GLU A 150 -10.52 -23.15 11.56
C GLU A 150 -10.33 -23.76 10.18
N VAL A 151 -10.14 -22.91 9.19
CA VAL A 151 -9.94 -23.33 7.80
C VAL A 151 -8.83 -24.37 7.71
N LEU A 152 -7.67 -24.06 8.27
CA LEU A 152 -6.51 -24.93 8.17
C LEU A 152 -6.70 -26.24 8.94
N SER A 153 -7.55 -26.23 9.96
CA SER A 153 -7.82 -27.44 10.72
C SER A 153 -8.64 -28.42 9.88
N VAL A 154 -9.39 -27.88 8.94
CA VAL A 154 -10.22 -28.69 8.05
C VAL A 154 -9.53 -28.86 6.70
N THR A 155 -8.84 -27.82 6.25
CA THR A 155 -8.14 -27.83 4.97
C THR A 155 -6.68 -27.41 5.16
N PRO A 156 -5.82 -28.36 5.57
CA PRO A 156 -4.46 -28.02 5.98
C PRO A 156 -3.60 -27.36 4.90
N ASN A 157 -3.96 -27.53 3.63
CA ASN A 157 -3.13 -27.06 2.54
C ASN A 157 -3.78 -25.95 1.71
N ASP A 158 -4.75 -25.26 2.30
CA ASP A 158 -5.35 -24.09 1.64
C ASP A 158 -4.34 -22.94 1.63
N GLY A 159 -3.86 -22.60 0.44
CA GLY A 159 -2.83 -21.59 0.29
C GLY A 159 -3.23 -20.20 0.72
N PHE A 160 -4.46 -19.82 0.38
CA PHE A 160 -4.98 -18.51 0.76
C PHE A 160 -4.91 -18.34 2.27
N ALA A 161 -5.37 -19.36 2.99
CA ALA A 161 -5.39 -19.32 4.44
C ALA A 161 -3.97 -19.23 5.02
N LYS A 162 -3.01 -19.88 4.35
CA LYS A 162 -1.64 -19.91 4.84
C LYS A 162 -0.92 -18.57 4.75
N VAL A 163 -1.04 -17.87 3.61
CA VAL A 163 -0.37 -16.57 3.47
C VAL A 163 -0.97 -15.58 4.46
N HIS A 164 -2.28 -15.67 4.66
CA HIS A 164 -2.94 -14.73 5.57
C HIS A 164 -2.59 -15.06 7.01
N TYR A 165 -2.51 -16.36 7.33
CA TYR A 165 -2.12 -16.78 8.66
C TYR A 165 -0.67 -16.35 8.91
N GLY A 166 0.18 -16.51 7.91
CA GLY A 166 1.55 -16.07 7.99
C GLY A 166 1.65 -14.57 8.23
N PHE A 167 0.84 -13.82 7.50
CA PHE A 167 0.79 -12.38 7.68
C PHE A 167 0.44 -12.04 9.12
N ILE A 168 -0.56 -12.72 9.67
CA ILE A 168 -1.02 -12.46 11.03
C ILE A 168 0.09 -12.75 12.03
N LEU A 169 0.73 -13.89 11.87
CA LEU A 169 1.86 -14.25 12.74
C LEU A 169 2.94 -13.17 12.70
N LYS A 170 3.29 -12.73 11.50
CA LYS A 170 4.30 -11.69 11.34
C LYS A 170 3.89 -10.41 12.04
N ALA A 171 2.61 -10.05 11.93
CA ALA A 171 2.09 -8.85 12.60
C ALA A 171 2.11 -8.99 14.12
N GLN A 172 2.11 -10.23 14.61
CA GLN A 172 2.20 -10.47 16.05
C GLN A 172 3.66 -10.64 16.49
N ASN A 173 4.58 -10.25 15.62
CA ASN A 173 6.02 -10.29 15.90
C ASN A 173 6.57 -11.72 15.98
N LYS A 174 5.81 -12.69 15.46
CA LYS A 174 6.31 -14.04 15.34
C LYS A 174 6.90 -14.24 13.93
N ILE A 175 8.03 -13.60 13.71
CA ILE A 175 8.62 -13.46 12.38
C ILE A 175 9.02 -14.80 11.80
N ALA A 176 9.79 -15.56 12.56
CA ALA A 176 10.32 -16.84 12.10
C ALA A 176 9.19 -17.82 11.78
N GLU A 177 8.15 -17.82 12.62
CA GLU A 177 7.03 -18.72 12.46
C GLU A 177 6.22 -18.38 11.21
N SER A 178 6.24 -17.12 10.82
CA SER A 178 5.42 -16.66 9.69
C SER A 178 5.97 -17.14 8.35
N ILE A 179 7.28 -17.40 8.29
CA ILE A 179 7.95 -17.63 7.02
C ILE A 179 7.49 -18.91 6.31
N PRO A 180 7.43 -20.05 7.04
CA PRO A 180 6.95 -21.28 6.39
C PRO A 180 5.53 -21.15 5.81
N TYR A 181 4.65 -20.45 6.53
CA TYR A 181 3.28 -20.27 6.06
C TYR A 181 3.24 -19.41 4.81
N LEU A 182 3.99 -18.32 4.80
CA LEU A 182 4.04 -17.44 3.64
C LEU A 182 4.63 -18.18 2.44
N LYS A 183 5.71 -18.93 2.67
CA LYS A 183 6.33 -19.71 1.60
C LYS A 183 5.35 -20.70 0.98
N GLU A 184 4.80 -21.56 1.83
CA GLU A 184 3.95 -22.65 1.37
C GLU A 184 2.70 -22.10 0.69
N GLY A 185 2.17 -21.00 1.22
CA GLY A 185 0.99 -20.38 0.64
C GLY A 185 1.25 -19.89 -0.77
N ILE A 186 2.38 -19.20 -0.96
CA ILE A 186 2.75 -18.69 -2.28
C ILE A 186 3.03 -19.86 -3.21
N GLU A 187 3.73 -20.87 -2.70
CA GLU A 187 4.09 -22.02 -3.52
C GLU A 187 2.86 -22.82 -3.94
N SER A 188 1.77 -22.71 -3.19
CA SER A 188 0.55 -23.44 -3.50
C SER A 188 0.02 -23.02 -4.87
N GLY A 189 0.19 -21.74 -5.19
CA GLY A 189 -0.34 -21.19 -6.42
C GLY A 189 -1.86 -21.01 -6.37
N ASP A 190 -2.43 -21.09 -5.17
CA ASP A 190 -3.88 -20.99 -5.01
C ASP A 190 -4.34 -19.57 -5.33
N PRO A 191 -5.59 -19.42 -5.79
CA PRO A 191 -6.14 -18.09 -6.05
C PRO A 191 -5.99 -17.15 -4.86
N GLY A 192 -5.41 -15.99 -5.09
CA GLY A 192 -5.25 -14.98 -4.06
C GLY A 192 -3.89 -14.96 -3.40
N THR A 193 -3.03 -15.90 -3.77
CA THR A 193 -1.70 -15.99 -3.16
C THR A 193 -0.64 -15.27 -4.00
N ASP A 194 -0.92 -15.10 -5.29
CA ASP A 194 0.02 -14.42 -6.18
C ASP A 194 -0.11 -12.91 -6.02
N ASP A 195 0.18 -12.44 -4.81
CA ASP A 195 -0.03 -11.05 -4.44
C ASP A 195 1.28 -10.44 -3.95
N GLY A 196 1.64 -9.29 -4.51
CA GLY A 196 2.88 -8.64 -4.17
C GLY A 196 3.09 -8.44 -2.67
N ARG A 197 2.00 -8.23 -1.95
CA ARG A 197 2.09 -7.96 -0.52
C ARG A 197 2.68 -9.13 0.25
N PHE A 198 2.40 -10.35 -0.18
CA PHE A 198 2.89 -11.52 0.53
C PHE A 198 4.36 -11.77 0.20
N TYR A 199 4.76 -11.43 -1.02
CA TYR A 199 6.18 -11.45 -1.37
C TYR A 199 6.93 -10.41 -0.53
N PHE A 200 6.33 -9.24 -0.36
CA PHE A 200 6.91 -8.18 0.45
C PHE A 200 7.16 -8.67 1.88
N HIS A 201 6.12 -9.23 2.49
CA HIS A 201 6.20 -9.65 3.88
C HIS A 201 7.11 -10.86 4.06
N LEU A 202 7.07 -11.77 3.09
CA LEU A 202 7.93 -12.94 3.14
C LEU A 202 9.39 -12.49 3.10
N GLY A 203 9.71 -11.65 2.12
CA GLY A 203 11.07 -11.15 1.99
C GLY A 203 11.51 -10.41 3.24
N ASP A 204 10.65 -9.51 3.73
CA ASP A 204 10.95 -8.70 4.90
C ASP A 204 11.21 -9.58 6.11
N ALA A 205 10.35 -10.57 6.31
CA ALA A 205 10.48 -11.51 7.42
C ALA A 205 11.83 -12.24 7.38
N MET A 206 12.18 -12.76 6.20
CA MET A 206 13.43 -13.48 6.02
C MET A 206 14.65 -12.60 6.28
N GLN A 207 14.58 -11.35 5.83
CA GLN A 207 15.71 -10.44 6.02
C GLN A 207 15.91 -10.14 7.49
N ARG A 208 14.82 -10.13 8.26
CA ARG A 208 14.89 -9.80 9.68
C ARG A 208 15.38 -10.97 10.53
N VAL A 209 15.42 -12.17 9.95
CA VAL A 209 15.96 -13.34 10.65
C VAL A 209 17.31 -13.74 10.02
N GLY A 210 17.79 -12.94 9.09
CA GLY A 210 19.11 -13.15 8.52
C GLY A 210 19.18 -14.21 7.45
N ASN A 211 18.02 -14.59 6.91
CA ASN A 211 17.98 -15.55 5.82
C ASN A 211 18.26 -14.86 4.49
N LYS A 212 19.41 -15.18 3.90
CA LYS A 212 19.85 -14.53 2.67
C LYS A 212 19.00 -14.96 1.48
N GLU A 213 18.18 -15.99 1.69
CA GLU A 213 17.31 -16.53 0.66
C GLU A 213 16.24 -15.52 0.22
N ALA A 214 16.06 -14.46 1.00
CA ALA A 214 15.04 -13.46 0.72
C ALA A 214 15.13 -12.91 -0.70
N TYR A 215 16.34 -12.80 -1.23
CA TYR A 215 16.53 -12.20 -2.54
C TYR A 215 16.04 -13.11 -3.66
N LYS A 216 16.05 -14.42 -3.42
CA LYS A 216 15.48 -15.36 -4.37
C LYS A 216 14.02 -15.04 -4.58
N TRP A 217 13.33 -14.75 -3.49
CA TRP A 217 11.90 -14.52 -3.52
C TRP A 217 11.58 -13.13 -4.06
N TYR A 218 12.44 -12.16 -3.81
CA TYR A 218 12.29 -10.84 -4.42
C TYR A 218 12.43 -10.99 -5.94
N GLU A 219 13.37 -11.81 -6.38
CA GLU A 219 13.58 -12.02 -7.80
C GLU A 219 12.37 -12.71 -8.43
N LEU A 220 11.82 -13.70 -7.74
CA LEU A 220 10.62 -14.37 -8.19
C LEU A 220 9.47 -13.38 -8.30
N GLY A 221 9.30 -12.57 -7.26
CA GLY A 221 8.28 -11.55 -7.24
C GLY A 221 8.40 -10.61 -8.44
N HIS A 222 9.63 -10.25 -8.77
CA HIS A 222 9.89 -9.43 -9.95
C HIS A 222 9.41 -10.11 -11.22
N LYS A 223 9.70 -11.40 -11.35
CA LYS A 223 9.29 -12.18 -12.52
C LYS A 223 7.77 -12.35 -12.57
N ARG A 224 7.12 -12.24 -11.43
CA ARG A 224 5.66 -12.31 -11.38
C ARG A 224 5.04 -10.93 -11.63
N GLY A 225 5.89 -9.91 -11.76
CA GLY A 225 5.43 -8.57 -12.05
C GLY A 225 5.06 -7.75 -10.83
N HIS A 226 5.54 -8.16 -9.66
CA HIS A 226 5.21 -7.46 -8.42
C HIS A 226 6.25 -6.39 -8.10
N PHE A 227 7.48 -6.59 -8.56
CA PHE A 227 8.56 -5.64 -8.34
C PHE A 227 9.24 -5.26 -9.65
N ALA A 228 9.74 -4.04 -9.72
CA ALA A 228 10.46 -3.56 -10.91
C ALA A 228 11.72 -4.38 -11.11
N SER A 229 12.33 -4.78 -10.00
CA SER A 229 13.51 -5.63 -10.05
C SER A 229 13.74 -6.25 -8.67
N VAL A 230 14.84 -6.98 -8.52
CA VAL A 230 15.15 -7.62 -7.25
C VAL A 230 15.45 -6.56 -6.19
N TRP A 231 16.00 -5.43 -6.63
CA TRP A 231 16.34 -4.33 -5.72
C TRP A 231 15.26 -3.26 -5.64
N GLN A 232 14.64 -2.95 -6.77
CA GLN A 232 13.71 -1.85 -6.86
C GLN A 232 12.28 -2.37 -6.68
N ARG A 233 11.70 -2.08 -5.51
CA ARG A 233 10.46 -2.74 -5.11
C ARG A 233 9.42 -1.79 -4.55
N SER A 234 9.48 -0.53 -4.99
CA SER A 234 8.50 0.47 -4.56
C SER A 234 7.13 0.16 -5.18
N LEU A 235 6.08 0.66 -4.55
CA LEU A 235 4.71 0.34 -4.96
C LEU A 235 4.14 1.30 -6.01
N TYR A 236 4.30 2.59 -5.78
CA TYR A 236 3.71 3.60 -6.67
C TYR A 236 4.75 4.13 -7.66
N ASN A 237 4.67 3.67 -8.91
CA ASN A 237 5.73 3.94 -9.87
C ASN A 237 5.23 4.57 -11.16
N VAL A 238 6.16 5.22 -11.86
CA VAL A 238 5.92 5.71 -13.21
C VAL A 238 6.89 4.98 -14.14
N ASN A 239 6.36 4.36 -15.17
CA ASN A 239 7.18 3.57 -16.08
C ASN A 239 8.10 4.46 -16.92
N GLY A 240 9.29 3.95 -17.23
CA GLY A 240 10.20 4.63 -18.12
C GLY A 240 11.21 5.55 -17.46
N LEU A 241 11.19 5.60 -16.13
CA LEU A 241 12.13 6.45 -15.40
C LEU A 241 13.44 5.70 -15.18
N LYS A 242 14.55 6.33 -15.58
CA LYS A 242 15.87 5.77 -15.36
C LYS A 242 16.00 5.19 -13.96
N ALA A 243 16.41 3.93 -13.88
CA ALA A 243 16.44 3.19 -12.62
C ALA A 243 17.85 2.76 -12.26
N GLN A 244 18.48 3.49 -11.34
CA GLN A 244 19.79 3.11 -10.84
C GLN A 244 19.90 3.54 -9.38
N PRO A 245 20.64 2.77 -8.58
CA PRO A 245 20.65 3.04 -7.13
C PRO A 245 21.37 4.33 -6.75
N TRP A 246 22.53 4.60 -7.35
CA TRP A 246 23.31 5.79 -7.00
C TRP A 246 23.42 6.76 -8.16
N TRP A 247 23.28 8.05 -7.87
CA TRP A 247 23.34 9.10 -8.89
C TRP A 247 24.42 10.12 -8.54
N THR A 248 25.06 10.67 -9.56
CA THR A 248 25.93 11.82 -9.39
C THR A 248 25.11 13.09 -9.58
N PRO A 249 25.55 14.22 -9.00
CA PRO A 249 24.83 15.48 -9.19
C PRO A 249 24.58 15.81 -10.65
N LYS A 250 25.58 15.57 -11.49
CA LYS A 250 25.48 15.88 -12.92
C LYS A 250 24.41 15.03 -13.60
N GLU A 251 24.28 13.77 -13.18
CA GLU A 251 23.30 12.87 -13.77
C GLU A 251 21.87 13.33 -13.47
N THR A 252 21.68 13.99 -12.34
CA THR A 252 20.36 14.44 -11.93
C THR A 252 19.97 15.74 -12.63
N GLY A 253 20.97 16.54 -12.98
CA GLY A 253 20.73 17.84 -13.57
C GLY A 253 20.48 18.93 -12.55
N TYR A 254 20.33 18.53 -11.29
CA TYR A 254 20.07 19.48 -10.20
C TYR A 254 21.37 19.96 -9.59
N THR A 255 22.30 20.39 -10.43
CA THR A 255 23.62 20.78 -9.96
C THR A 255 23.59 22.02 -9.07
N GLU A 256 22.70 22.97 -9.38
CA GLU A 256 22.61 24.20 -8.62
C GLU A 256 22.09 23.95 -7.20
N LEU A 257 21.11 23.06 -7.08
CA LEU A 257 20.60 22.68 -5.77
C LEU A 257 21.71 22.06 -4.93
N VAL A 258 22.44 21.13 -5.54
CA VAL A 258 23.55 20.46 -4.88
C VAL A 258 24.59 21.48 -4.43
N LYS A 259 25.01 22.35 -5.35
CA LYS A 259 26.00 23.36 -5.04
C LYS A 259 25.55 24.22 -3.87
N SER A 260 24.28 24.60 -3.87
CA SER A 260 23.74 25.46 -2.83
C SER A 260 23.79 24.74 -1.47
N LEU A 261 23.46 23.46 -1.46
CA LEU A 261 23.47 22.66 -0.25
C LEU A 261 24.89 22.53 0.30
N GLU A 262 25.83 22.18 -0.58
CA GLU A 262 27.22 21.96 -0.18
C GLU A 262 27.92 23.25 0.23
N ARG A 263 27.62 24.34 -0.46
CA ARG A 263 28.28 25.62 -0.19
C ARG A 263 27.79 26.24 1.11
N ASN A 264 26.53 26.00 1.47
CA ASN A 264 25.94 26.57 2.67
C ASN A 264 25.72 25.51 3.74
N TRP A 265 26.57 24.49 3.78
CA TRP A 265 26.32 23.33 4.62
C TRP A 265 26.48 23.62 6.11
N LYS A 266 27.43 24.49 6.47
CA LYS A 266 27.64 24.81 7.88
C LYS A 266 26.41 25.53 8.42
N LEU A 267 25.82 26.37 7.58
CA LEU A 267 24.62 27.12 7.94
C LEU A 267 23.44 26.18 8.19
N ILE A 268 23.27 25.21 7.30
CA ILE A 268 22.21 24.21 7.43
C ILE A 268 22.43 23.40 8.70
N ARG A 269 23.68 23.03 8.93
CA ARG A 269 24.06 22.29 10.13
C ARG A 269 23.68 23.07 11.40
N ASP A 270 24.11 24.32 11.46
CA ASP A 270 23.96 25.12 12.68
C ASP A 270 22.51 25.34 13.08
N GLU A 271 21.64 25.54 12.10
CA GLU A 271 20.22 25.74 12.39
C GLU A 271 19.58 24.44 12.86
N GLY A 272 20.06 23.32 12.33
CA GLY A 272 19.58 22.02 12.77
C GLY A 272 20.05 21.72 14.18
N LEU A 273 21.31 22.02 14.45
CA LEU A 273 21.87 21.84 15.78
C LEU A 273 21.22 22.76 16.82
N ALA A 274 20.83 23.95 16.39
CA ALA A 274 20.18 24.90 17.29
C ALA A 274 18.80 24.39 17.72
N VAL A 275 18.11 23.72 16.80
CA VAL A 275 16.83 23.10 17.11
C VAL A 275 17.03 21.95 18.09
N MET A 276 18.03 21.11 17.81
CA MET A 276 18.43 20.05 18.72
C MET A 276 18.65 20.58 20.13
N ASP A 277 19.39 21.67 20.24
CA ASP A 277 19.77 22.22 21.54
C ASP A 277 18.59 22.89 22.26
N LYS A 278 17.80 23.65 21.52
CA LYS A 278 16.80 24.53 22.12
C LYS A 278 15.37 24.01 21.99
N ALA A 279 15.16 23.06 21.09
CA ALA A 279 13.83 22.52 20.85
C ALA A 279 13.90 21.07 20.40
N LYS A 280 14.53 20.23 21.23
CA LYS A 280 14.78 18.84 20.86
C LYS A 280 13.48 18.10 20.59
N GLY A 281 12.37 18.60 21.13
CA GLY A 281 11.07 17.99 20.95
C GLY A 281 10.59 17.95 19.52
N LEU A 282 11.12 18.84 18.68
CA LEU A 282 10.72 18.90 17.27
C LEU A 282 11.37 17.78 16.45
N PHE A 283 12.35 17.10 17.05
CA PHE A 283 12.90 15.89 16.44
C PHE A 283 12.06 14.69 16.86
N LEU A 284 11.30 14.14 15.93
CA LEU A 284 10.38 13.06 16.22
C LEU A 284 11.02 11.72 15.86
N PRO A 285 10.73 10.66 16.64
CA PRO A 285 11.30 9.35 16.33
C PRO A 285 10.92 8.86 14.94
N GLU A 286 11.86 8.25 14.25
CA GLU A 286 11.61 7.76 12.89
C GLU A 286 10.78 6.49 12.94
N ASP A 287 10.52 5.92 11.76
CA ASP A 287 9.68 4.73 11.63
C ASP A 287 10.18 3.60 12.52
N GLU A 288 9.42 3.31 13.57
CA GLU A 288 9.79 2.28 14.53
C GLU A 288 9.95 0.92 13.86
N ASN A 289 9.14 0.66 12.84
CA ASN A 289 9.19 -0.61 12.14
C ASN A 289 10.51 -0.83 11.43
N LEU A 290 11.16 0.25 11.02
CA LEU A 290 12.41 0.14 10.27
C LEU A 290 13.62 0.09 11.20
N ARG A 291 13.41 0.43 12.47
CA ARG A 291 14.51 0.47 13.43
C ARG A 291 14.61 -0.85 14.18
N GLU A 292 15.72 -1.57 13.98
CA GLU A 292 15.98 -2.77 14.76
C GLU A 292 16.33 -2.40 16.20
N LYS A 293 17.10 -1.32 16.32
CA LYS A 293 17.66 -0.91 17.59
C LYS A 293 18.27 0.47 17.44
N GLY A 294 18.56 1.12 18.56
CA GLY A 294 19.23 2.40 18.55
C GLY A 294 18.29 3.58 18.67
N ASP A 295 18.79 4.75 18.26
CA ASP A 295 18.07 6.00 18.41
C ASP A 295 18.14 6.76 17.09
N TRP A 296 16.99 7.17 16.60
CA TRP A 296 16.86 7.69 15.25
C TRP A 296 15.66 8.64 15.17
N SER A 297 15.92 9.91 14.89
CA SER A 297 14.88 10.93 14.93
C SER A 297 15.00 11.89 13.74
N GLN A 298 13.91 12.58 13.42
CA GLN A 298 13.86 13.45 12.27
C GLN A 298 13.10 14.74 12.55
N PHE A 299 13.48 15.80 11.84
CA PHE A 299 12.85 17.11 11.99
C PHE A 299 12.50 17.63 10.59
N THR A 300 11.21 17.65 10.28
CA THR A 300 10.73 17.90 8.93
C THR A 300 10.42 19.36 8.65
N LEU A 301 10.94 19.88 7.55
CA LEU A 301 10.67 21.24 7.11
C LEU A 301 9.58 21.24 6.03
N TRP A 302 9.69 20.30 5.09
CA TRP A 302 8.73 20.14 4.02
C TRP A 302 8.19 18.72 3.97
N GLN A 303 6.92 18.58 3.66
CA GLN A 303 6.30 17.26 3.51
C GLN A 303 5.26 17.29 2.41
N GLN A 304 5.45 16.46 1.41
CA GLN A 304 4.53 16.37 0.28
C GLN A 304 4.28 17.73 -0.35
N GLY A 305 5.35 18.51 -0.49
CA GLY A 305 5.25 19.81 -1.13
C GLY A 305 4.64 20.90 -0.26
N ARG A 306 4.42 20.59 1.02
CA ARG A 306 3.84 21.54 1.96
C ARG A 306 4.86 21.99 3.00
N ARG A 307 5.08 23.30 3.06
CA ARG A 307 5.99 23.88 4.04
C ARG A 307 5.42 23.82 5.43
N ASN A 308 6.20 23.28 6.36
CA ASN A 308 5.84 23.28 7.76
C ASN A 308 6.27 24.61 8.38
N GLU A 309 5.31 25.51 8.57
CA GLU A 309 5.63 26.88 8.98
C GLU A 309 6.35 26.93 10.32
N ASN A 310 5.89 26.13 11.29
CA ASN A 310 6.47 26.17 12.63
C ASN A 310 7.90 25.67 12.61
N ALA A 311 8.19 24.75 11.69
CA ALA A 311 9.52 24.18 11.59
C ALA A 311 10.48 25.17 10.94
N CYS A 312 9.98 25.94 9.98
CA CYS A 312 10.82 26.90 9.28
C CYS A 312 11.12 28.12 10.15
N LYS A 313 10.36 28.28 11.23
CA LYS A 313 10.67 29.31 12.21
C LYS A 313 11.90 28.90 13.02
N GLY A 314 12.15 27.59 13.07
CA GLY A 314 13.31 27.07 13.78
C GLY A 314 14.57 27.07 12.92
N ALA A 315 14.37 26.97 11.61
CA ALA A 315 15.48 26.99 10.66
C ALA A 315 15.16 27.93 9.50
N PRO A 316 15.03 29.24 9.81
CA PRO A 316 14.57 30.23 8.83
C PRO A 316 15.46 30.37 7.60
N LYS A 317 16.77 30.43 7.80
CA LYS A 317 17.69 30.63 6.69
C LYS A 317 17.68 29.41 5.77
N THR A 318 17.68 28.22 6.35
CA THR A 318 17.66 26.98 5.59
C THR A 318 16.42 26.89 4.71
N CYS A 319 15.27 27.29 5.26
CA CYS A 319 14.03 27.27 4.49
C CYS A 319 14.04 28.34 3.41
N THR A 320 14.58 29.51 3.74
CA THR A 320 14.76 30.58 2.75
C THR A 320 15.60 30.08 1.59
N LEU A 321 16.66 29.34 1.91
CA LEU A 321 17.57 28.81 0.92
C LEU A 321 16.86 27.84 -0.03
N LEU A 322 15.97 27.02 0.52
CA LEU A 322 15.31 25.97 -0.24
C LEU A 322 14.16 26.48 -1.09
N GLU A 323 13.56 27.60 -0.70
CA GLU A 323 12.47 28.20 -1.47
C GLU A 323 12.86 28.40 -2.92
N LYS A 324 14.15 28.58 -3.16
CA LYS A 324 14.68 28.86 -4.49
C LYS A 324 14.62 27.63 -5.41
N PHE A 325 14.37 26.46 -4.85
CA PHE A 325 14.48 25.21 -5.61
C PHE A 325 13.18 24.40 -5.60
N PRO A 326 12.25 24.71 -6.52
CA PRO A 326 10.94 24.05 -6.54
C PRO A 326 11.02 22.55 -6.84
N GLU A 327 12.13 22.08 -7.40
CA GLU A 327 12.28 20.67 -7.71
C GLU A 327 12.25 19.83 -6.44
N THR A 328 12.48 20.45 -5.29
CA THR A 328 12.40 19.76 -4.01
C THR A 328 11.23 20.25 -3.15
N THR A 329 11.07 21.57 -3.03
CA THR A 329 10.00 22.10 -2.20
C THR A 329 8.64 21.78 -2.79
N GLY A 330 8.61 21.56 -4.10
CA GLY A 330 7.36 21.24 -4.79
C GLY A 330 7.18 19.75 -5.04
N CYS A 331 8.11 18.94 -4.54
CA CYS A 331 8.03 17.50 -4.73
C CYS A 331 6.97 16.90 -3.80
N ARG A 332 5.78 16.68 -4.35
CA ARG A 332 4.66 16.17 -3.57
C ARG A 332 4.81 14.71 -3.19
N ARG A 333 5.91 14.08 -3.60
CA ARG A 333 6.16 12.69 -3.22
C ARG A 333 7.48 12.57 -2.45
N GLY A 334 7.92 13.68 -1.86
CA GLY A 334 9.15 13.67 -1.09
C GLY A 334 9.04 14.50 0.18
N GLN A 335 10.13 14.58 0.92
CA GLN A 335 10.20 15.43 2.11
C GLN A 335 11.53 16.17 2.13
N ILE A 336 11.62 17.14 3.04
CA ILE A 336 12.87 17.78 3.39
C ILE A 336 12.94 17.73 4.90
N LYS A 337 13.99 17.10 5.44
CA LYS A 337 14.08 16.93 6.88
C LYS A 337 15.50 16.68 7.38
N TYR A 338 15.77 17.11 8.61
CA TYR A 338 16.98 16.73 9.31
C TYR A 338 16.80 15.32 9.86
N SER A 339 17.86 14.51 9.81
CA SER A 339 17.80 13.16 10.36
C SER A 339 19.03 12.89 11.23
N ILE A 340 18.79 12.66 12.51
CA ILE A 340 19.86 12.35 13.44
C ILE A 340 19.80 10.88 13.84
N MET A 341 20.96 10.25 13.84
CA MET A 341 21.10 8.85 14.21
C MET A 341 22.24 8.71 15.21
N HIS A 342 21.98 8.01 16.31
CA HIS A 342 22.98 7.87 17.36
C HIS A 342 23.62 6.49 17.30
N PRO A 343 24.75 6.30 18.01
CA PRO A 343 25.44 5.01 17.98
C PRO A 343 24.57 3.84 18.42
N GLY A 344 24.82 2.67 17.85
CA GLY A 344 24.08 1.47 18.19
C GLY A 344 22.76 1.37 17.43
N THR A 345 22.70 2.02 16.27
CA THR A 345 21.49 2.01 15.47
C THR A 345 21.67 1.19 14.20
N HIS A 346 20.64 0.42 13.87
CA HIS A 346 20.60 -0.29 12.61
C HIS A 346 19.21 -0.17 12.01
N VAL A 347 19.15 0.22 10.75
CA VAL A 347 17.89 0.35 10.04
C VAL A 347 17.73 -0.84 9.10
N TRP A 348 16.64 -1.59 9.25
CA TRP A 348 16.39 -2.76 8.41
C TRP A 348 16.43 -2.39 6.94
N PRO A 349 16.84 -3.35 6.08
CA PRO A 349 16.72 -3.10 4.64
C PRO A 349 15.28 -2.75 4.29
N HIS A 350 15.10 -1.74 3.45
CA HIS A 350 13.76 -1.33 3.06
C HIS A 350 13.80 -0.47 1.82
N THR A 351 12.62 -0.14 1.33
CA THR A 351 12.43 0.58 0.09
C THR A 351 11.44 1.71 0.32
N GLY A 352 11.57 2.80 -0.43
CA GLY A 352 10.60 3.88 -0.36
C GLY A 352 9.32 3.52 -1.10
N PRO A 353 8.31 4.38 -1.02
CA PRO A 353 7.01 4.07 -1.65
C PRO A 353 6.92 4.37 -3.15
N THR A 354 7.87 5.11 -3.72
CA THR A 354 7.76 5.57 -5.11
C THR A 354 9.10 5.65 -5.84
N ASN A 355 9.06 5.48 -7.16
CA ASN A 355 10.27 5.68 -7.98
C ASN A 355 10.28 7.07 -8.60
N CYS A 356 9.35 7.93 -8.15
CA CYS A 356 9.18 9.27 -8.70
C CYS A 356 10.03 10.32 -8.00
N ARG A 357 10.89 9.87 -7.10
CA ARG A 357 11.78 10.79 -6.38
C ARG A 357 13.20 10.26 -6.31
N LEU A 358 14.14 11.19 -6.22
CA LEU A 358 15.50 10.88 -5.82
C LEU A 358 15.73 11.53 -4.46
N ARG A 359 16.62 10.92 -3.68
CA ARG A 359 16.84 11.35 -2.32
C ARG A 359 18.29 11.80 -2.13
N MET A 360 18.45 13.06 -1.76
CA MET A 360 19.77 13.61 -1.48
C MET A 360 20.07 13.61 0.02
N HIS A 361 21.31 13.26 0.36
CA HIS A 361 21.80 13.31 1.73
C HIS A 361 22.99 14.26 1.82
N LEU A 362 22.81 15.36 2.56
CA LEU A 362 23.90 16.28 2.85
C LEU A 362 24.44 15.96 4.23
N GLY A 363 25.74 15.67 4.31
CA GLY A 363 26.39 15.41 5.58
C GLY A 363 26.62 16.67 6.39
N LEU A 364 26.14 16.67 7.63
CA LEU A 364 26.28 17.81 8.50
C LEU A 364 27.24 17.51 9.66
N VAL A 365 26.97 16.41 10.37
CA VAL A 365 27.89 15.93 11.41
C VAL A 365 28.11 14.45 11.19
N ILE A 366 29.29 14.10 10.69
CA ILE A 366 29.61 12.72 10.36
C ILE A 366 30.83 12.26 11.16
N PRO A 367 30.63 11.34 12.12
CA PRO A 367 31.78 10.74 12.80
C PRO A 367 32.79 10.15 11.81
N LYS A 368 34.07 10.12 12.18
CA LYS A 368 35.11 9.66 11.27
C LYS A 368 34.95 8.17 10.94
N GLU A 369 34.24 7.44 11.78
CA GLU A 369 34.07 6.01 11.58
C GLU A 369 32.71 5.51 12.08
N GLY A 370 32.22 4.43 11.48
CA GLY A 370 31.06 3.72 12.00
C GLY A 370 29.74 3.96 11.28
N CYS A 371 29.67 5.02 10.48
CA CYS A 371 28.42 5.35 9.79
C CYS A 371 28.49 5.00 8.32
N LYS A 372 27.52 4.22 7.84
CA LYS A 372 27.49 3.85 6.43
C LYS A 372 26.07 3.54 5.95
N ILE A 373 25.87 3.64 4.64
CA ILE A 373 24.58 3.36 4.04
C ILE A 373 24.79 2.53 2.78
N ARG A 374 24.04 1.44 2.68
CA ARG A 374 24.04 0.61 1.48
C ARG A 374 22.78 0.88 0.68
N CYS A 375 22.95 1.05 -0.64
CA CYS A 375 21.82 1.04 -1.55
C CYS A 375 22.13 0.01 -2.64
N ALA A 376 21.23 -0.96 -2.79
CA ALA A 376 21.47 -2.12 -3.63
C ALA A 376 22.78 -2.78 -3.22
N ASN A 377 23.72 -2.96 -4.14
CA ASN A 377 24.94 -3.71 -3.84
C ASN A 377 26.11 -2.83 -3.43
N GLU A 378 25.90 -1.51 -3.42
CA GLU A 378 26.98 -0.56 -3.12
C GLU A 378 26.79 0.10 -1.76
N THR A 379 27.84 0.06 -0.95
CA THR A 379 27.83 0.72 0.35
C THR A 379 28.70 1.97 0.32
N LYS A 380 28.21 3.05 0.91
CA LYS A 380 28.92 4.31 0.91
C LYS A 380 28.85 4.98 2.29
N THR A 381 29.67 6.02 2.44
CA THR A 381 29.69 6.81 3.67
C THR A 381 29.36 8.27 3.36
N TRP A 382 28.88 8.98 4.38
CA TRP A 382 28.62 10.41 4.23
C TRP A 382 29.90 11.20 4.45
N GLU A 383 29.91 12.41 3.89
CA GLU A 383 30.99 13.38 4.12
C GLU A 383 30.38 14.70 4.55
N GLU A 384 30.98 15.34 5.56
CA GLU A 384 30.50 16.64 6.00
C GLU A 384 30.66 17.65 4.87
N GLY A 385 29.54 18.25 4.46
CA GLY A 385 29.55 19.24 3.39
C GLY A 385 29.38 18.65 2.00
N LYS A 386 29.21 17.33 1.93
CA LYS A 386 29.05 16.66 0.64
C LYS A 386 27.69 15.99 0.51
N VAL A 387 27.20 15.92 -0.73
CA VAL A 387 25.90 15.36 -1.00
C VAL A 387 26.03 13.97 -1.61
N LEU A 388 25.29 13.02 -1.03
CA LEU A 388 25.04 11.71 -1.65
C LEU A 388 23.65 11.73 -2.28
N ILE A 389 23.51 11.03 -3.40
CA ILE A 389 22.23 10.95 -4.09
C ILE A 389 21.94 9.51 -4.43
N PHE A 390 20.80 8.99 -3.97
CA PHE A 390 20.39 7.66 -4.34
C PHE A 390 18.89 7.60 -4.59
N ASP A 391 18.48 6.55 -5.30
CA ASP A 391 17.08 6.29 -5.57
C ASP A 391 16.55 5.36 -4.49
N ASP A 392 15.81 5.90 -3.54
CA ASP A 392 15.43 5.13 -2.36
C ASP A 392 14.29 4.16 -2.65
N SER A 393 13.89 4.03 -3.91
CA SER A 393 12.98 2.96 -4.32
C SER A 393 13.78 1.66 -4.47
N PHE A 394 15.11 1.80 -4.47
CA PHE A 394 16.01 0.66 -4.35
C PHE A 394 16.25 0.34 -2.88
N GLU A 395 16.35 -0.94 -2.57
CA GLU A 395 16.61 -1.38 -1.21
C GLU A 395 17.84 -0.71 -0.65
N HIS A 396 17.69 -0.09 0.51
CA HIS A 396 18.82 0.49 1.20
C HIS A 396 18.77 0.15 2.69
N GLU A 397 19.93 0.23 3.32
CA GLU A 397 20.11 -0.22 4.70
C GLU A 397 21.15 0.68 5.37
N VAL A 398 21.00 0.91 6.67
CA VAL A 398 21.85 1.89 7.36
C VAL A 398 22.36 1.37 8.69
N TRP A 399 23.61 1.72 8.99
CA TRP A 399 24.25 1.38 10.25
C TRP A 399 24.82 2.63 10.91
N GLN A 400 24.80 2.67 12.24
CA GLN A 400 25.45 3.73 12.99
C GLN A 400 26.19 3.10 14.17
N ASP A 401 27.48 2.84 13.98
CA ASP A 401 28.30 2.20 14.99
C ASP A 401 29.46 3.11 15.40
N ALA A 402 29.21 4.41 15.40
CA ALA A 402 30.24 5.38 15.79
C ALA A 402 30.23 5.60 17.30
N SER A 403 30.92 6.64 17.76
CA SER A 403 30.99 6.94 19.19
C SER A 403 30.30 8.27 19.50
N SER A 404 29.66 8.85 18.49
CA SER A 404 28.93 10.11 18.67
C SER A 404 27.83 10.20 17.61
N PHE A 405 27.01 11.24 17.69
CA PHE A 405 25.80 11.30 16.86
C PHE A 405 26.14 11.65 15.41
N ARG A 406 25.25 11.24 14.51
CA ARG A 406 25.39 11.51 13.09
C ARG A 406 24.18 12.33 12.62
N LEU A 407 24.46 13.48 12.01
CA LEU A 407 23.40 14.35 11.52
C LEU A 407 23.51 14.56 10.02
N ILE A 408 22.42 14.33 9.31
CA ILE A 408 22.36 14.57 7.88
C ILE A 408 21.13 15.41 7.54
N PHE A 409 21.12 15.96 6.33
CA PHE A 409 19.99 16.72 5.81
C PHE A 409 19.46 15.97 4.60
N ILE A 410 18.20 15.60 4.65
CA ILE A 410 17.59 14.80 3.58
C ILE A 410 16.74 15.71 2.71
N VAL A 411 17.05 15.71 1.41
CA VAL A 411 16.33 16.53 0.45
C VAL A 411 15.87 15.66 -0.72
N ASP A 412 14.56 15.51 -0.85
CA ASP A 412 13.99 14.77 -1.98
C ASP A 412 13.75 15.68 -3.18
N VAL A 413 14.01 15.15 -4.37
CA VAL A 413 13.73 15.87 -5.60
C VAL A 413 12.91 14.99 -6.54
N TRP A 414 12.09 15.63 -7.37
CA TRP A 414 11.44 14.91 -8.46
C TRP A 414 12.48 14.13 -9.25
N HIS A 415 12.13 12.90 -9.65
CA HIS A 415 12.96 12.17 -10.60
C HIS A 415 13.13 13.07 -11.81
N PRO A 416 14.37 13.30 -12.24
CA PRO A 416 14.62 14.31 -13.27
C PRO A 416 13.96 14.05 -14.63
N GLU A 417 13.62 12.80 -14.92
CA GLU A 417 13.01 12.47 -16.21
C GLU A 417 11.49 12.66 -16.22
N LEU A 418 10.92 13.02 -15.08
CA LEU A 418 9.50 13.34 -15.02
C LEU A 418 9.23 14.69 -15.67
N THR A 419 8.21 14.76 -16.52
CA THR A 419 7.89 15.99 -17.23
C THR A 419 7.18 16.98 -16.29
N PRO A 420 7.23 18.27 -16.65
CA PRO A 420 6.51 19.29 -15.87
C PRO A 420 5.04 18.92 -15.63
N GLN A 421 4.36 18.43 -16.65
CA GLN A 421 2.95 18.06 -16.53
C GLN A 421 2.78 16.88 -15.58
N GLN A 422 3.69 15.91 -15.67
CA GLN A 422 3.70 14.78 -14.75
C GLN A 422 3.86 15.26 -13.30
N ARG A 423 4.79 16.18 -13.10
CA ARG A 423 5.06 16.71 -11.76
C ARG A 423 3.84 17.44 -11.22
N ARG A 424 3.10 18.09 -12.12
CA ARG A 424 1.88 18.80 -11.75
C ARG A 424 0.74 17.85 -11.46
N SER A 425 0.75 16.69 -12.13
CA SER A 425 -0.41 15.80 -12.14
C SER A 425 -0.39 14.74 -11.02
N LEU A 426 0.77 14.14 -10.79
CA LEU A 426 0.87 13.02 -9.85
C LEU A 426 0.24 13.35 -8.49
N PRO A 427 -0.48 12.39 -7.88
CA PRO A 427 -0.95 12.60 -6.51
C PRO A 427 0.19 12.44 -5.49
N ALA A 428 -0.05 12.92 -4.26
CA ALA A 428 1.02 12.99 -3.26
C ALA A 428 1.22 11.70 -2.48
N ILE A 429 2.46 11.44 -2.09
CA ILE A 429 2.81 10.32 -1.23
C ILE A 429 3.87 10.77 -0.23
#